data_3FTO
#
_entry.id   3FTO
#
_cell.length_a   39.577
_cell.length_b   122.287
_cell.length_c   59.408
_cell.angle_alpha   90.000
_cell.angle_beta   102.050
_cell.angle_gamma   90.000
#
_symmetry.space_group_name_H-M   'P 1 21 1'
#
loop_
_entity.id
_entity.type
_entity.pdbx_description
1 polymer 'Oligopeptide-binding protein oppA'
2 water water
#
_entity_poly.entity_id   1
_entity_poly.type   'polypeptide(L)'
_entity_poly.pdbx_seq_one_letter_code
;(MSE)GSNQSSSTSTKKLKAGNFDVAYQNPDKAIKGGNLKVAYQSDSP(MSE)KAQWLSGLSNDATFAT(MSE)SGPGGG
QDGLFFTDSGFKFIKGGAADVALDKESKTATITLRKDLKWSDGSEVTAKDYEFTYETIANPAYGSDRWTDSLANIVGLSD
YHTGKAKTISGITFPDGENGKVIKVQFKE(MSE)KPG(MSE)TQSGNGYFLETVAPYQYLKDVAPKDLASSPKTTTKPLV
TGPFKPENVVAGESIKYVPNPYYWGEKPKLNSITYEVVSTAKSVAALSSSKYDIING(MSE)VSSQYKQVKNLKGYKVLG
QQA(MSE)YISL(MSE)YYNLGHYDAKNSINVQDRKTPLQDQNVRQAIGYARNVAEVDNKFSNGLSTPANSLIPPIFKQF
TSSSVKGYEKQDLDKANKLLDEDGWKLNKSTGYREKDGKELSLVYAARVGDANAETIAQNYIQQWKKIGVKVSLYNGKL
(MSE)EFNSWVDH(MSE)TTPPGANDWDITDGSWSLASEPSQQDLFSAAAPYNFGHFNDSEITKDLNDIDSAKSENPTYR
KAAFVKYQED(MSE)NKKAYVIPTNF(MSE)LNYTPVNKRVVG(MSE)TLDYGA(MSE)NTWSEIGVSSAKLATKGSIEG
RHHHHHH
;
_entity_poly.pdbx_strand_id   A
#
# COMPACT_ATOMS: atom_id res chain seq x y z
N ASN A 18 -13.12 -9.31 15.21
CA ASN A 18 -14.10 -8.57 15.98
C ASN A 18 -14.33 -7.16 15.41
N PHE A 19 -14.06 -6.98 14.14
CA PHE A 19 -14.30 -5.72 13.47
C PHE A 19 -15.30 -5.90 12.33
N ASP A 20 -16.10 -4.88 12.15
CA ASP A 20 -17.07 -4.89 11.09
C ASP A 20 -16.57 -3.98 10.03
N VAL A 21 -16.72 -4.42 8.81
CA VAL A 21 -16.47 -3.65 7.61
C VAL A 21 -17.43 -2.49 7.39
N ALA A 22 -18.68 -2.65 7.77
CA ALA A 22 -19.68 -1.68 7.49
C ALA A 22 -20.56 -1.36 8.68
N TYR A 23 -21.11 -0.16 8.68
CA TYR A 23 -22.04 0.18 9.72
C TYR A 23 -23.44 0.12 9.17
N GLN A 24 -24.23 -0.85 9.61
CA GLN A 24 -25.58 -1.00 9.11
C GLN A 24 -26.47 -0.16 9.99
N ASN A 25 -26.83 1.02 9.51
CA ASN A 25 -27.62 1.93 10.29
C ASN A 25 -29.09 1.55 10.27
N PRO A 26 -29.68 1.47 11.43
CA PRO A 26 -31.08 1.15 11.52
C PRO A 26 -32.00 2.21 10.91
N ASP A 27 -31.75 3.47 11.22
CA ASP A 27 -32.46 4.59 10.66
C ASP A 27 -32.10 4.85 9.21
N LYS A 28 -33.09 5.22 8.42
CA LYS A 28 -32.87 5.54 7.02
C LYS A 28 -32.33 6.95 6.75
N ALA A 29 -31.76 7.11 5.57
CA ALA A 29 -31.22 8.39 5.18
C ALA A 29 -32.25 9.43 4.85
N ILE A 30 -32.00 10.64 5.30
CA ILE A 30 -32.67 11.81 4.78
C ILE A 30 -32.14 12.16 3.40
N LYS A 31 -32.89 12.95 2.67
CA LYS A 31 -32.41 13.57 1.47
C LYS A 31 -31.56 14.77 1.86
N GLY A 32 -30.49 15.01 1.17
CA GLY A 32 -29.56 16.03 1.55
C GLY A 32 -28.68 15.69 2.73
N GLY A 33 -28.29 16.71 3.45
CA GLY A 33 -27.36 16.61 4.55
C GLY A 33 -25.97 17.07 4.21
N ASN A 34 -25.19 17.37 5.21
CA ASN A 34 -23.80 17.75 5.08
C ASN A 34 -23.03 16.76 5.91
N LEU A 35 -22.00 16.17 5.35
CA LEU A 35 -21.17 15.24 6.10
C LEU A 35 -19.84 15.86 6.48
N LYS A 36 -19.41 15.57 7.71
CA LYS A 36 -18.16 16.10 8.25
C LYS A 36 -17.14 15.03 8.51
N VAL A 37 -16.04 15.14 7.77
CA VAL A 37 -14.96 14.19 7.75
C VAL A 37 -13.65 14.87 8.00
N ALA A 38 -12.77 14.20 8.68
CA ALA A 38 -11.48 14.74 8.99
C ALA A 38 -10.46 13.69 8.67
N TYR A 39 -9.24 14.12 8.41
CA TYR A 39 -8.12 13.25 8.29
C TYR A 39 -7.07 13.58 9.32
N GLN A 40 -6.64 12.61 10.13
CA GLN A 40 -5.67 12.90 11.16
C GLN A 40 -4.27 13.07 10.59
N SER A 41 -3.75 14.28 10.70
CA SER A 41 -2.43 14.56 10.22
C SER A 41 -1.81 15.64 11.07
N ASP A 42 -0.53 15.51 11.35
CA ASP A 42 0.16 16.55 12.08
C ASP A 42 0.84 17.52 11.16
N SER A 43 0.79 17.22 9.87
CA SER A 43 1.34 18.11 8.88
C SER A 43 0.25 18.53 7.92
N PRO A 44 0.45 19.65 7.27
CA PRO A 44 -0.56 20.25 6.43
C PRO A 44 -0.88 19.51 5.14
N MSE A 45 -2.11 19.69 4.72
CA MSE A 45 -2.59 19.17 3.47
C MSE A 45 -1.80 19.85 2.37
O MSE A 45 -1.58 21.02 2.43
CB MSE A 45 -4.07 19.49 3.36
CG MSE A 45 -4.74 19.13 2.06
SE MSE A 45 -6.57 19.59 1.95
CE MSE A 45 -6.42 21.29 1.17
N LYS A 46 -1.38 19.08 1.39
CA LYS A 46 -0.80 19.68 0.21
C LYS A 46 -1.70 19.40 -1.00
N ALA A 47 -2.48 20.36 -1.43
CA ALA A 47 -3.49 20.13 -2.45
C ALA A 47 -2.95 20.14 -3.90
N GLN A 48 -2.92 18.95 -4.48
CA GLN A 48 -2.63 18.79 -5.89
C GLN A 48 -3.58 17.79 -6.53
N TRP A 49 -4.48 18.32 -7.33
CA TRP A 49 -5.48 17.54 -8.04
C TRP A 49 -4.94 16.61 -9.13
N LEU A 50 -3.79 16.93 -9.73
CA LEU A 50 -3.19 16.02 -10.71
C LEU A 50 -2.42 14.91 -10.03
N SER A 51 -2.67 13.68 -10.44
CA SER A 51 -2.03 12.54 -9.84
C SER A 51 -0.52 12.51 -10.00
N GLY A 52 -0.02 12.86 -11.18
CA GLY A 52 1.40 12.90 -11.43
C GLY A 52 2.17 13.89 -10.59
N LEU A 53 1.54 15.01 -10.30
CA LEU A 53 2.15 16.07 -9.50
C LEU A 53 2.01 15.93 -8.00
N SER A 54 1.24 14.96 -7.54
CA SER A 54 0.96 14.85 -6.12
C SER A 54 1.86 13.90 -5.34
N ASN A 55 2.44 14.43 -4.28
CA ASN A 55 3.31 13.68 -3.39
C ASN A 55 2.84 13.59 -1.96
N ASP A 56 1.67 14.12 -1.66
CA ASP A 56 1.13 14.10 -0.31
C ASP A 56 0.00 13.07 -0.10
N ALA A 57 0.25 12.13 0.77
CA ALA A 57 -0.70 11.09 1.06
C ALA A 57 -1.97 11.62 1.67
N THR A 58 -1.86 12.65 2.48
CA THR A 58 -2.99 13.21 3.18
C THR A 58 -4.02 13.77 2.22
N PHE A 59 -3.56 14.59 1.30
CA PHE A 59 -4.44 15.15 0.30
C PHE A 59 -5.05 14.08 -0.58
N ALA A 60 -4.29 13.04 -0.86
CA ALA A 60 -4.74 12.01 -1.77
C ALA A 60 -5.96 11.25 -1.25
N THR A 61 -6.01 10.95 0.03
CA THR A 61 -7.19 10.40 0.66
C THR A 61 -8.32 11.42 0.64
N MSE A 62 -7.99 12.66 0.89
CA MSE A 62 -8.94 13.76 0.96
C MSE A 62 -9.60 14.06 -0.39
O MSE A 62 -10.69 14.52 -0.45
CB MSE A 62 -8.31 15.01 1.59
CG MSE A 62 -8.12 14.92 3.08
SE MSE A 62 -7.06 16.27 3.91
CE MSE A 62 -8.36 17.52 4.21
N SER A 63 -8.90 13.72 -1.45
CA SER A 63 -9.37 13.89 -2.81
C SER A 63 -10.46 12.90 -3.21
N GLY A 64 -10.80 11.96 -2.32
CA GLY A 64 -11.67 10.83 -2.62
C GLY A 64 -13.09 11.10 -3.09
N PRO A 65 -13.79 12.03 -2.45
CA PRO A 65 -15.10 12.51 -2.89
C PRO A 65 -15.02 13.21 -4.23
N GLY A 66 -13.83 13.70 -4.53
CA GLY A 66 -13.55 14.36 -5.77
C GLY A 66 -13.26 13.42 -6.92
N GLY A 67 -13.31 12.13 -6.68
CA GLY A 67 -12.85 11.16 -7.62
C GLY A 67 -11.47 10.54 -7.44
N GLY A 68 -10.83 10.78 -6.31
CA GLY A 68 -9.50 10.30 -6.06
C GLY A 68 -8.40 10.69 -7.03
N GLN A 69 -8.32 11.97 -7.38
CA GLN A 69 -7.50 12.47 -8.47
C GLN A 69 -7.82 11.89 -9.83
N ASP A 70 -9.11 11.77 -10.10
CA ASP A 70 -9.67 11.31 -11.35
C ASP A 70 -9.26 9.91 -11.85
N GLY A 71 -9.39 8.96 -10.95
CA GLY A 71 -9.22 7.58 -11.27
C GLY A 71 -10.34 7.02 -12.12
N LEU A 72 -9.94 6.41 -13.21
CA LEU A 72 -10.81 5.80 -14.18
C LEU A 72 -11.58 4.52 -13.86
N PHE A 73 -10.98 3.57 -13.15
CA PHE A 73 -11.45 2.21 -13.18
C PHE A 73 -12.01 1.70 -11.90
N PHE A 74 -13.13 1.01 -11.99
CA PHE A 74 -13.62 0.22 -10.88
C PHE A 74 -12.89 -1.10 -10.73
N THR A 75 -12.94 -1.64 -9.53
CA THR A 75 -12.44 -2.95 -9.23
C THR A 75 -13.45 -3.75 -8.44
N ASP A 76 -13.20 -5.03 -8.39
CA ASP A 76 -13.79 -5.95 -7.45
C ASP A 76 -13.09 -5.90 -6.08
N SER A 77 -13.56 -6.67 -5.13
CA SER A 77 -13.03 -6.63 -3.78
C SER A 77 -11.58 -7.07 -3.76
N GLY A 78 -11.19 -7.79 -4.77
CA GLY A 78 -9.84 -8.26 -4.92
C GLY A 78 -8.93 -7.32 -5.70
N PHE A 79 -9.44 -6.16 -6.06
CA PHE A 79 -8.68 -5.13 -6.76
C PHE A 79 -8.48 -5.45 -8.19
N LYS A 80 -9.20 -6.41 -8.70
CA LYS A 80 -9.17 -6.70 -10.11
C LYS A 80 -10.13 -5.78 -10.83
N PHE A 81 -9.72 -5.25 -11.98
CA PHE A 81 -10.55 -4.35 -12.75
C PHE A 81 -11.88 -4.97 -13.17
N ILE A 82 -12.93 -4.18 -13.04
CA ILE A 82 -14.25 -4.50 -13.58
C ILE A 82 -14.66 -3.37 -14.50
N LYS A 83 -15.74 -3.59 -15.22
CA LYS A 83 -16.12 -2.72 -16.31
C LYS A 83 -16.98 -1.48 -16.02
N GLY A 84 -17.47 -1.32 -14.81
CA GLY A 84 -18.46 -0.31 -14.52
C GLY A 84 -18.13 1.12 -14.16
N GLY A 85 -16.86 1.48 -14.19
CA GLY A 85 -16.41 2.78 -13.78
C GLY A 85 -16.47 3.84 -14.85
N ALA A 86 -15.68 4.87 -14.67
CA ALA A 86 -15.61 5.99 -15.58
C ALA A 86 -15.17 5.58 -16.98
N ALA A 87 -14.29 4.58 -17.01
CA ALA A 87 -13.79 3.96 -18.19
C ALA A 87 -13.63 2.49 -17.91
N ASP A 88 -13.35 1.76 -18.98
CA ASP A 88 -13.09 0.35 -18.93
C ASP A 88 -11.82 0.05 -19.70
N VAL A 89 -11.10 -0.95 -19.26
CA VAL A 89 -9.85 -1.30 -19.88
C VAL A 89 -9.81 -2.75 -20.35
N ALA A 90 -9.41 -2.95 -21.59
CA ALA A 90 -9.36 -4.27 -22.19
C ALA A 90 -7.96 -4.60 -22.65
N LEU A 91 -7.53 -5.80 -22.32
CA LEU A 91 -6.22 -6.26 -22.68
C LEU A 91 -6.27 -7.30 -23.78
N ASP A 92 -5.51 -7.08 -24.84
CA ASP A 92 -5.32 -8.08 -25.86
C ASP A 92 -3.86 -8.48 -25.91
N LYS A 93 -3.61 -9.73 -25.54
CA LYS A 93 -2.27 -10.29 -25.47
C LYS A 93 -1.57 -10.33 -26.82
N GLU A 94 -2.33 -10.68 -27.85
CA GLU A 94 -1.79 -10.86 -29.19
C GLU A 94 -1.24 -9.55 -29.75
N SER A 95 -2.01 -8.48 -29.63
CA SER A 95 -1.55 -7.21 -30.15
C SER A 95 -0.72 -6.44 -29.16
N LYS A 96 -0.55 -6.97 -27.96
CA LYS A 96 0.23 -6.37 -26.90
C LYS A 96 -0.27 -5.00 -26.49
N THR A 97 -1.57 -4.89 -26.40
CA THR A 97 -2.26 -3.64 -26.27
C THR A 97 -3.23 -3.60 -25.11
N ALA A 98 -3.36 -2.41 -24.55
CA ALA A 98 -4.39 -2.11 -23.59
C ALA A 98 -5.31 -1.09 -24.20
N THR A 99 -6.59 -1.38 -24.16
CA THR A 99 -7.56 -0.44 -24.68
C THR A 99 -8.41 0.20 -23.59
N ILE A 100 -8.33 1.52 -23.51
CA ILE A 100 -9.07 2.26 -22.54
C ILE A 100 -10.26 2.91 -23.24
N THR A 101 -11.46 2.63 -22.77
CA THR A 101 -12.65 3.27 -23.29
C THR A 101 -13.33 4.10 -22.22
N LEU A 102 -13.29 5.39 -22.44
CA LEU A 102 -13.96 6.35 -21.58
C LEU A 102 -15.45 6.33 -21.86
N ARG A 103 -16.24 6.55 -20.83
CA ARG A 103 -17.68 6.59 -20.98
C ARG A 103 -18.10 7.72 -21.87
N LYS A 104 -19.14 7.45 -22.64
CA LYS A 104 -19.78 8.40 -23.52
C LYS A 104 -20.06 9.73 -22.87
N ASP A 105 -20.53 9.71 -21.64
CA ASP A 105 -20.78 10.95 -20.94
C ASP A 105 -19.95 11.14 -19.67
N LEU A 106 -18.70 10.72 -19.71
CA LEU A 106 -17.72 11.09 -18.71
C LEU A 106 -17.27 12.50 -18.97
N LYS A 107 -17.42 13.32 -17.96
CA LYS A 107 -17.20 14.71 -18.08
C LYS A 107 -16.48 15.27 -16.89
N TRP A 108 -15.80 16.38 -17.13
CA TRP A 108 -15.21 17.26 -16.13
C TRP A 108 -16.28 18.08 -15.40
N SER A 109 -15.92 18.65 -14.27
CA SER A 109 -16.87 19.35 -13.41
C SER A 109 -17.42 20.65 -14.01
N ASP A 110 -16.82 21.08 -15.10
CA ASP A 110 -17.29 22.23 -15.84
C ASP A 110 -18.20 21.89 -17.01
N GLY A 111 -18.56 20.62 -17.12
CA GLY A 111 -19.41 20.14 -18.18
C GLY A 111 -18.68 19.74 -19.43
N SER A 112 -17.38 19.99 -19.46
CA SER A 112 -16.57 19.59 -20.60
C SER A 112 -16.31 18.09 -20.68
N GLU A 113 -16.28 17.59 -21.90
CA GLU A 113 -16.01 16.22 -22.19
C GLU A 113 -14.61 15.76 -21.80
N VAL A 114 -14.52 14.64 -21.13
CA VAL A 114 -13.27 13.97 -20.95
C VAL A 114 -12.95 13.22 -22.23
N THR A 115 -11.75 13.40 -22.74
CA THR A 115 -11.34 12.89 -24.03
C THR A 115 -10.11 12.03 -23.91
N ALA A 116 -9.77 11.40 -25.02
CA ALA A 116 -8.63 10.52 -25.11
C ALA A 116 -7.37 11.28 -24.82
N LYS A 117 -7.36 12.52 -25.24
CA LYS A 117 -6.26 13.42 -25.03
C LYS A 117 -6.01 13.67 -23.55
N ASP A 118 -7.07 13.71 -22.77
CA ASP A 118 -6.97 13.93 -21.33
C ASP A 118 -6.25 12.81 -20.65
N TYR A 119 -6.52 11.59 -21.07
CA TYR A 119 -5.81 10.42 -20.60
C TYR A 119 -4.34 10.41 -21.00
N GLU A 120 -4.06 10.81 -22.23
CA GLU A 120 -2.70 10.92 -22.73
C GLU A 120 -1.91 12.00 -21.98
N PHE A 121 -2.60 13.06 -21.60
CA PHE A 121 -1.95 14.18 -20.94
C PHE A 121 -1.35 13.80 -19.61
N THR A 122 -1.91 12.79 -18.98
CA THR A 122 -1.46 12.28 -17.71
C THR A 122 -0.05 11.77 -17.82
N TYR A 123 0.21 11.09 -18.93
CA TYR A 123 1.51 10.57 -19.27
C TYR A 123 2.53 11.68 -19.46
N GLU A 124 2.13 12.75 -20.12
CA GLU A 124 2.99 13.91 -20.27
C GLU A 124 3.33 14.53 -18.93
N THR A 125 2.37 14.63 -18.04
CA THR A 125 2.64 15.24 -16.76
C THR A 125 3.65 14.48 -15.91
N ILE A 126 3.56 13.17 -15.88
CA ILE A 126 4.57 12.30 -15.30
C ILE A 126 5.89 12.14 -16.07
N ALA A 127 5.78 11.88 -17.37
CA ALA A 127 6.90 11.69 -18.30
C ALA A 127 7.78 12.88 -18.72
N ASN A 128 7.18 14.05 -18.87
CA ASN A 128 7.91 15.22 -19.27
C ASN A 128 8.46 15.88 -18.03
N PRO A 129 9.77 16.02 -17.98
CA PRO A 129 10.49 16.55 -16.84
C PRO A 129 10.18 18.02 -16.52
N ALA A 130 9.66 18.76 -17.48
CA ALA A 130 9.31 20.16 -17.31
C ALA A 130 8.26 20.40 -16.20
N TYR A 131 7.33 19.48 -16.05
CA TYR A 131 6.36 19.43 -14.96
C TYR A 131 6.91 19.11 -13.57
N GLY A 132 8.03 18.43 -13.46
CA GLY A 132 8.60 18.14 -12.16
C GLY A 132 8.03 17.04 -11.30
N SER A 133 7.41 16.06 -11.93
CA SER A 133 6.83 14.91 -11.27
C SER A 133 7.88 13.98 -10.71
N ASP A 134 7.57 13.37 -9.58
CA ASP A 134 8.41 12.36 -8.96
C ASP A 134 7.98 10.96 -9.31
N ARG A 135 6.95 10.85 -10.12
CA ARG A 135 6.29 9.57 -10.29
C ARG A 135 6.66 8.73 -11.49
N TRP A 136 7.68 9.09 -12.23
CA TRP A 136 8.12 8.22 -13.30
C TRP A 136 8.62 6.93 -12.70
N THR A 137 8.22 5.84 -13.32
CA THR A 137 8.80 4.54 -13.03
C THR A 137 9.39 3.97 -14.30
N ASP A 138 10.33 3.07 -14.11
CA ASP A 138 10.95 2.38 -15.20
C ASP A 138 9.98 1.40 -15.87
N SER A 139 8.90 1.09 -15.20
CA SER A 139 7.81 0.29 -15.74
C SER A 139 7.20 0.93 -16.97
N LEU A 140 7.12 2.24 -16.97
CA LEU A 140 6.58 3.01 -18.07
C LEU A 140 7.41 2.91 -19.34
N ALA A 141 8.67 2.50 -19.21
CA ALA A 141 9.54 2.26 -20.34
C ALA A 141 9.05 1.14 -21.23
N ASN A 142 8.29 0.22 -20.65
CA ASN A 142 7.63 -0.86 -21.34
C ASN A 142 6.57 -0.42 -22.36
N ILE A 143 6.08 0.80 -22.24
CA ILE A 143 5.17 1.34 -23.24
C ILE A 143 5.96 1.88 -24.40
N VAL A 144 5.53 1.56 -25.62
CA VAL A 144 6.31 1.90 -26.76
C VAL A 144 6.42 3.39 -26.93
N GLY A 145 7.67 3.83 -26.98
CA GLY A 145 8.06 5.20 -27.16
C GLY A 145 8.05 6.07 -25.92
N LEU A 146 7.62 5.53 -24.81
CA LEU A 146 7.55 6.32 -23.63
C LEU A 146 8.89 6.79 -23.12
N SER A 147 9.93 5.97 -23.17
CA SER A 147 11.26 6.40 -22.73
C SER A 147 11.84 7.53 -23.55
N ASP A 148 11.67 7.45 -24.86
CA ASP A 148 12.15 8.44 -25.79
C ASP A 148 11.48 9.80 -25.59
N TYR A 149 10.19 9.79 -25.29
CA TYR A 149 9.49 10.99 -24.89
C TYR A 149 10.02 11.54 -23.56
N HIS A 150 10.25 10.64 -22.62
CA HIS A 150 10.77 10.93 -21.30
C HIS A 150 12.19 11.49 -21.36
N THR A 151 12.97 11.04 -22.32
CA THR A 151 14.32 11.55 -22.46
C THR A 151 14.42 12.74 -23.40
N GLY A 152 13.33 13.10 -24.05
CA GLY A 152 13.32 14.21 -24.96
C GLY A 152 13.78 13.89 -26.35
N LYS A 153 14.06 12.63 -26.62
CA LYS A 153 14.37 12.13 -27.95
C LYS A 153 13.20 12.24 -28.94
N ALA A 154 11.99 12.13 -28.44
CA ALA A 154 10.79 12.14 -29.22
C ALA A 154 9.82 13.19 -28.73
N LYS A 155 9.20 13.88 -29.67
CA LYS A 155 8.18 14.88 -29.37
C LYS A 155 6.88 14.32 -28.84
N THR A 156 6.59 13.09 -29.20
CA THR A 156 5.32 12.45 -28.92
C THR A 156 5.53 11.11 -28.32
N ILE A 157 4.44 10.46 -27.95
CA ILE A 157 4.48 9.11 -27.46
C ILE A 157 3.87 8.17 -28.47
N SER A 158 4.69 7.48 -29.22
CA SER A 158 4.28 6.61 -30.31
C SER A 158 3.40 5.45 -29.87
N GLY A 159 3.65 4.94 -28.69
CA GLY A 159 2.90 3.84 -28.14
C GLY A 159 1.46 4.16 -27.81
N ILE A 160 1.12 5.44 -27.75
CA ILE A 160 -0.21 5.84 -27.42
C ILE A 160 -0.93 6.41 -28.61
N THR A 161 -2.06 5.81 -28.94
CA THR A 161 -2.82 6.25 -30.10
C THR A 161 -4.31 6.42 -29.86
N PHE A 162 -4.96 7.15 -30.75
CA PHE A 162 -6.39 7.34 -30.59
C PHE A 162 -7.13 6.89 -31.83
N PRO A 163 -7.88 5.81 -31.70
CA PRO A 163 -8.65 5.27 -32.82
C PRO A 163 -9.70 6.24 -33.36
N ASP A 164 -10.34 7.02 -32.49
CA ASP A 164 -11.27 8.04 -32.94
C ASP A 164 -10.71 9.44 -32.76
N GLY A 165 -9.41 9.55 -32.63
CA GLY A 165 -8.74 10.81 -32.45
C GLY A 165 -8.68 11.34 -31.04
N GLU A 166 -8.12 12.53 -30.90
CA GLU A 166 -7.95 13.15 -29.60
C GLU A 166 -9.25 13.48 -28.89
N ASN A 167 -10.24 13.88 -29.65
CA ASN A 167 -11.52 14.28 -29.09
C ASN A 167 -12.42 13.10 -28.86
N GLY A 168 -11.89 11.95 -29.23
CA GLY A 168 -12.56 10.68 -29.07
C GLY A 168 -12.51 10.14 -27.67
N LYS A 169 -13.20 9.02 -27.47
CA LYS A 169 -13.30 8.34 -26.21
C LYS A 169 -12.40 7.11 -26.00
N VAL A 170 -11.61 6.76 -26.98
CA VAL A 170 -10.83 5.54 -26.94
C VAL A 170 -9.32 5.77 -27.01
N ILE A 171 -8.58 5.07 -26.18
CA ILE A 171 -7.15 5.18 -26.23
C ILE A 171 -6.52 3.84 -26.40
N LYS A 172 -5.52 3.73 -27.26
CA LYS A 172 -4.79 2.49 -27.36
C LYS A 172 -3.40 2.63 -26.83
N VAL A 173 -3.00 1.68 -26.01
CA VAL A 173 -1.68 1.70 -25.42
C VAL A 173 -0.87 0.49 -25.78
N GLN A 174 0.24 0.73 -26.46
CA GLN A 174 1.08 -0.35 -26.92
C GLN A 174 2.30 -0.59 -26.07
N PHE A 175 2.44 -1.82 -25.61
CA PHE A 175 3.52 -2.26 -24.74
C PHE A 175 4.54 -3.11 -25.49
N LYS A 176 5.77 -3.10 -25.02
CA LYS A 176 6.77 -4.06 -25.48
C LYS A 176 6.47 -5.50 -25.04
N GLU A 177 6.05 -5.68 -23.80
CA GLU A 177 5.73 -6.97 -23.23
C GLU A 177 4.48 -6.93 -22.35
N MSE A 178 3.63 -7.94 -22.46
CA MSE A 178 2.54 -8.09 -21.52
C MSE A 178 2.96 -8.60 -20.14
O MSE A 178 3.90 -9.35 -20.02
CB MSE A 178 1.40 -8.90 -22.09
CG MSE A 178 0.72 -8.31 -23.29
SE MSE A 178 0.06 -6.56 -23.23
CE MSE A 178 -1.70 -7.01 -22.74
N LYS A 179 2.24 -8.14 -19.14
CA LYS A 179 2.40 -8.58 -17.78
C LYS A 179 1.07 -9.00 -17.19
N PRO A 180 1.02 -10.10 -16.47
CA PRO A 180 -0.22 -10.59 -15.87
C PRO A 180 -0.85 -9.66 -14.81
N GLY A 181 -0.09 -8.77 -14.19
CA GLY A 181 -0.55 -7.86 -13.18
C GLY A 181 -1.43 -6.76 -13.72
N MSE A 182 -1.53 -6.71 -15.03
CA MSE A 182 -2.23 -5.66 -15.77
C MSE A 182 -3.75 -5.70 -15.60
O MSE A 182 -4.43 -4.80 -16.03
CB MSE A 182 -1.84 -5.68 -17.24
CG MSE A 182 -0.44 -5.21 -17.62
SE MSE A 182 -0.18 -5.43 -19.48
CE MSE A 182 1.41 -4.56 -19.81
N THR A 183 -4.26 -6.77 -15.02
CA THR A 183 -5.68 -6.88 -14.72
C THR A 183 -5.96 -6.41 -13.30
N GLN A 184 -4.93 -5.95 -12.64
CA GLN A 184 -5.04 -5.42 -11.30
C GLN A 184 -4.82 -3.93 -11.39
N SER A 185 -5.60 -3.20 -10.65
CA SER A 185 -5.37 -1.81 -10.45
C SER A 185 -4.08 -1.63 -9.67
N GLY A 186 -3.38 -0.53 -9.90
CA GLY A 186 -2.08 -0.29 -9.33
C GLY A 186 -0.95 -1.13 -9.88
N ASN A 187 -1.07 -1.65 -11.09
CA ASN A 187 -0.01 -2.41 -11.73
C ASN A 187 1.24 -1.61 -12.10
N GLY A 188 1.05 -0.38 -12.51
CA GLY A 188 2.09 0.56 -12.81
C GLY A 188 2.49 0.53 -14.25
N TYR A 189 2.12 -0.52 -14.93
CA TYR A 189 2.38 -0.71 -16.34
C TYR A 189 1.64 0.27 -17.25
N PHE A 190 0.43 0.61 -16.86
CA PHE A 190 -0.33 1.71 -17.41
C PHE A 190 -0.96 2.55 -16.29
N LEU A 191 -1.31 3.77 -16.63
CA LEU A 191 -1.86 4.78 -15.71
C LEU A 191 -3.39 4.84 -15.66
N GLU A 192 -3.95 5.27 -14.54
CA GLU A 192 -5.38 5.18 -14.29
C GLU A 192 -6.12 6.49 -14.10
N THR A 193 -5.56 7.59 -14.55
CA THR A 193 -6.14 8.90 -14.31
C THR A 193 -6.16 9.78 -15.53
N VAL A 194 -6.96 10.83 -15.46
CA VAL A 194 -7.10 11.81 -16.53
C VAL A 194 -6.80 13.23 -16.05
N ALA A 195 -6.33 14.04 -16.96
CA ALA A 195 -5.97 15.41 -16.64
C ALA A 195 -6.69 16.32 -17.61
N PRO A 196 -7.21 17.46 -17.15
CA PRO A 196 -8.08 18.24 -18.02
C PRO A 196 -7.29 19.11 -18.94
N TYR A 197 -6.99 18.57 -20.09
CA TYR A 197 -6.06 19.19 -20.99
C TYR A 197 -6.47 20.58 -21.48
N GLN A 198 -7.72 20.71 -21.86
CA GLN A 198 -8.26 21.95 -22.36
C GLN A 198 -8.17 23.02 -21.30
N TYR A 199 -8.37 22.64 -20.06
CA TYR A 199 -8.20 23.51 -18.91
C TYR A 199 -6.76 23.97 -18.60
N LEU A 200 -5.81 23.07 -18.72
CA LEU A 200 -4.46 23.29 -18.28
C LEU A 200 -3.50 23.60 -19.40
N LYS A 201 -4.02 23.66 -20.59
CA LYS A 201 -3.26 23.63 -21.81
C LYS A 201 -2.27 24.75 -21.93
N ASP A 202 -2.67 25.94 -21.52
CA ASP A 202 -1.85 27.12 -21.64
C ASP A 202 -1.03 27.45 -20.42
N VAL A 203 -1.11 26.62 -19.41
CA VAL A 203 -0.26 26.78 -18.27
C VAL A 203 1.12 26.24 -18.60
N ALA A 204 2.14 27.05 -18.39
CA ALA A 204 3.49 26.59 -18.57
C ALA A 204 3.76 25.46 -17.58
N PRO A 205 4.48 24.44 -18.04
CA PRO A 205 4.69 23.20 -17.31
C PRO A 205 5.40 23.38 -15.98
N LYS A 206 6.34 24.31 -15.92
CA LYS A 206 7.03 24.66 -14.70
C LYS A 206 6.07 25.24 -13.66
N ASP A 207 4.97 25.78 -14.14
CA ASP A 207 3.95 26.38 -13.33
C ASP A 207 2.77 25.51 -12.90
N LEU A 208 2.61 24.32 -13.47
CA LEU A 208 1.37 23.57 -13.36
C LEU A 208 1.01 23.16 -11.94
N ALA A 209 2.00 22.68 -11.23
CA ALA A 209 1.91 22.30 -9.85
C ALA A 209 1.53 23.43 -8.91
N SER A 210 1.91 24.65 -9.19
CA SER A 210 1.53 25.73 -8.31
C SER A 210 0.33 26.51 -8.78
N SER A 211 -0.15 26.21 -9.96
CA SER A 211 -1.27 26.89 -10.55
C SER A 211 -2.56 26.67 -9.74
N PRO A 212 -3.41 27.67 -9.74
CA PRO A 212 -4.72 27.63 -9.10
C PRO A 212 -5.56 26.53 -9.71
N LYS A 213 -5.35 26.34 -10.99
CA LYS A 213 -6.03 25.35 -11.76
C LYS A 213 -5.78 23.90 -11.29
N THR A 214 -4.73 23.66 -10.53
CA THR A 214 -4.46 22.32 -10.00
C THR A 214 -4.48 22.27 -8.48
N THR A 215 -4.92 23.34 -7.87
CA THR A 215 -4.82 23.47 -6.43
C THR A 215 -6.14 23.91 -5.79
N THR A 216 -6.44 25.19 -5.89
CA THR A 216 -7.61 25.77 -5.30
C THR A 216 -8.78 25.81 -6.25
N LYS A 217 -8.54 25.79 -7.55
CA LYS A 217 -9.63 25.73 -8.49
C LYS A 217 -9.51 24.72 -9.62
N PRO A 218 -9.52 23.44 -9.30
CA PRO A 218 -9.39 22.39 -10.31
C PRO A 218 -10.66 22.02 -11.07
N LEU A 219 -10.51 21.18 -12.08
CA LEU A 219 -11.62 20.44 -12.65
C LEU A 219 -11.46 18.98 -12.20
N VAL A 220 -12.56 18.32 -11.83
CA VAL A 220 -12.56 16.95 -11.36
C VAL A 220 -13.60 16.08 -12.04
N THR A 221 -13.50 14.78 -11.93
CA THR A 221 -14.46 13.87 -12.55
C THR A 221 -15.44 13.18 -11.60
N GLY A 222 -15.29 13.38 -10.31
CA GLY A 222 -15.98 12.64 -9.28
C GLY A 222 -17.40 13.04 -9.00
N PRO A 223 -18.03 12.37 -8.05
CA PRO A 223 -19.39 12.69 -7.64
C PRO A 223 -19.52 14.02 -6.92
N PHE A 224 -18.43 14.53 -6.41
CA PHE A 224 -18.39 15.81 -5.78
C PHE A 224 -17.26 16.60 -6.45
N LYS A 225 -17.39 17.91 -6.40
CA LYS A 225 -16.35 18.77 -6.88
C LYS A 225 -16.00 19.70 -5.76
N PRO A 226 -14.78 20.19 -5.75
CA PRO A 226 -14.35 21.01 -4.62
C PRO A 226 -14.75 22.44 -4.82
N GLU A 227 -15.77 22.88 -4.12
CA GLU A 227 -16.22 24.26 -4.18
C GLU A 227 -15.26 25.24 -3.55
N ASN A 228 -14.68 24.87 -2.42
CA ASN A 228 -13.72 25.71 -1.78
C ASN A 228 -12.54 24.92 -1.25
N VAL A 229 -11.34 25.36 -1.52
CA VAL A 229 -10.17 24.77 -0.93
C VAL A 229 -9.40 25.78 -0.10
N VAL A 230 -9.17 25.45 1.16
CA VAL A 230 -8.39 26.31 2.00
C VAL A 230 -7.04 25.66 2.16
N ALA A 231 -5.97 26.31 1.76
CA ALA A 231 -4.70 25.64 1.72
C ALA A 231 -4.21 25.13 3.07
N GLY A 232 -3.82 23.87 3.05
CA GLY A 232 -3.23 23.18 4.16
C GLY A 232 -4.23 22.59 5.12
N GLU A 233 -5.50 22.93 4.95
CA GLU A 233 -6.52 22.57 5.91
C GLU A 233 -7.73 21.80 5.42
N SER A 234 -8.43 22.35 4.44
CA SER A 234 -9.74 21.82 4.15
C SER A 234 -10.23 21.96 2.73
N ILE A 235 -11.22 21.13 2.43
CA ILE A 235 -11.97 21.16 1.20
C ILE A 235 -13.46 21.14 1.43
N LYS A 236 -14.19 21.99 0.73
CA LYS A 236 -15.64 21.90 0.71
C LYS A 236 -16.16 21.36 -0.60
N TYR A 237 -16.85 20.24 -0.47
CA TYR A 237 -17.33 19.47 -1.58
C TYR A 237 -18.81 19.63 -1.80
N VAL A 238 -19.17 19.76 -3.04
CA VAL A 238 -20.54 19.92 -3.47
C VAL A 238 -20.74 19.00 -4.64
N PRO A 239 -21.98 18.67 -4.93
CA PRO A 239 -22.25 17.68 -5.96
C PRO A 239 -21.78 18.14 -7.33
N ASN A 240 -21.21 17.24 -8.10
CA ASN A 240 -20.78 17.55 -9.45
C ASN A 240 -21.95 17.22 -10.34
N PRO A 241 -22.55 18.24 -10.96
CA PRO A 241 -23.75 18.07 -11.76
C PRO A 241 -23.53 17.13 -12.93
N TYR A 242 -22.31 17.12 -13.43
CA TYR A 242 -21.97 16.37 -14.61
C TYR A 242 -21.50 14.96 -14.37
N TYR A 243 -21.55 14.49 -13.14
CA TYR A 243 -21.10 13.16 -12.85
C TYR A 243 -21.96 12.15 -13.60
N TRP A 244 -21.30 11.20 -14.26
CA TRP A 244 -21.89 10.15 -15.09
C TRP A 244 -22.79 9.26 -14.27
N GLY A 245 -22.41 9.10 -13.03
CA GLY A 245 -22.93 8.09 -12.15
C GLY A 245 -24.14 8.44 -11.34
N GLU A 246 -24.30 7.71 -10.26
CA GLU A 246 -25.39 7.89 -9.37
C GLU A 246 -25.26 9.21 -8.67
N LYS A 247 -26.29 10.03 -8.71
CA LYS A 247 -26.29 11.30 -8.00
C LYS A 247 -26.22 11.12 -6.47
N PRO A 248 -25.37 11.89 -5.81
CA PRO A 248 -25.15 11.70 -4.36
C PRO A 248 -26.34 12.07 -3.50
N LYS A 249 -26.52 11.40 -2.37
CA LYS A 249 -27.53 11.80 -1.41
C LYS A 249 -27.26 13.14 -0.74
N LEU A 250 -26.03 13.37 -0.32
CA LEU A 250 -25.64 14.56 0.39
C LEU A 250 -25.60 15.83 -0.45
N ASN A 251 -26.01 16.90 0.14
CA ASN A 251 -25.76 18.22 -0.40
C ASN A 251 -24.29 18.59 -0.38
N SER A 252 -23.60 18.24 0.68
CA SER A 252 -22.21 18.58 0.80
C SER A 252 -21.38 17.70 1.73
N ILE A 253 -20.08 17.76 1.55
CA ILE A 253 -19.16 17.15 2.48
C ILE A 253 -18.05 18.13 2.75
N THR A 254 -17.68 18.29 4.00
CA THR A 254 -16.53 19.08 4.37
C THR A 254 -15.45 18.15 4.82
N TYR A 255 -14.24 18.36 4.37
CA TYR A 255 -13.17 17.48 4.73
C TYR A 255 -12.05 18.32 5.30
N GLU A 256 -11.60 18.02 6.51
CA GLU A 256 -10.57 18.83 7.17
C GLU A 256 -9.44 18.03 7.76
N VAL A 257 -8.27 18.59 7.75
CA VAL A 257 -7.18 18.09 8.56
C VAL A 257 -7.45 18.29 10.05
N VAL A 258 -7.21 17.25 10.81
CA VAL A 258 -7.26 17.29 12.26
C VAL A 258 -5.96 16.75 12.82
N SER A 259 -5.47 17.35 13.90
CA SER A 259 -4.26 16.94 14.56
C SER A 259 -4.46 15.66 15.38
N THR A 260 -3.38 14.95 15.63
CA THR A 260 -3.42 13.71 16.38
C THR A 260 -3.89 14.05 17.77
N ALA A 261 -3.38 15.15 18.25
CA ALA A 261 -3.66 15.67 19.57
C ALA A 261 -5.12 15.99 19.77
N LYS A 262 -5.78 16.44 18.74
CA LYS A 262 -7.15 16.87 18.89
C LYS A 262 -8.21 15.86 18.49
N SER A 263 -7.80 14.76 17.89
CA SER A 263 -8.76 13.85 17.32
C SER A 263 -9.73 13.24 18.33
N VAL A 264 -9.24 12.75 19.44
CA VAL A 264 -10.08 12.09 20.41
C VAL A 264 -11.11 13.05 20.98
N ALA A 265 -10.71 14.28 21.18
CA ALA A 265 -11.58 15.30 21.69
C ALA A 265 -12.69 15.62 20.70
N ALA A 266 -12.37 15.64 19.42
CA ALA A 266 -13.34 15.92 18.39
C ALA A 266 -14.42 14.87 18.33
N LEU A 267 -14.03 13.62 18.47
CA LEU A 267 -14.98 12.53 18.56
C LEU A 267 -15.80 12.60 19.82
N SER A 268 -15.17 13.01 20.90
CA SER A 268 -15.81 13.18 22.20
C SER A 268 -16.88 14.26 22.16
N SER A 269 -16.63 15.32 21.42
CA SER A 269 -17.57 16.41 21.29
C SER A 269 -18.49 16.29 20.06
N SER A 270 -18.40 15.18 19.36
CA SER A 270 -19.15 14.92 18.13
C SER A 270 -18.96 15.93 17.03
N LYS A 271 -17.74 16.42 16.89
CA LYS A 271 -17.38 17.31 15.80
C LYS A 271 -17.42 16.70 14.40
N TYR A 272 -17.05 15.44 14.26
CA TYR A 272 -16.91 14.80 12.97
C TYR A 272 -17.68 13.50 12.86
N ASP A 273 -18.31 13.29 11.74
CA ASP A 273 -18.93 12.02 11.40
C ASP A 273 -17.94 10.90 11.18
N ILE A 274 -16.89 11.20 10.44
CA ILE A 274 -15.80 10.31 10.19
C ILE A 274 -14.46 10.99 10.36
N ILE A 275 -13.56 10.31 11.05
CA ILE A 275 -12.15 10.63 11.04
C ILE A 275 -11.34 9.48 10.51
N ASN A 276 -10.50 9.81 9.55
CA ASN A 276 -9.64 8.88 8.86
C ASN A 276 -8.17 9.01 9.27
N GLY A 277 -7.43 7.91 9.17
CA GLY A 277 -6.03 7.91 9.48
C GLY A 277 -5.63 7.90 10.93
N MSE A 278 -6.53 7.47 11.79
CA MSE A 278 -6.21 7.37 13.19
C MSE A 278 -5.27 6.23 13.51
O MSE A 278 -5.44 5.12 13.07
CB MSE A 278 -7.48 7.30 14.03
CG MSE A 278 -8.26 8.60 14.00
SE MSE A 278 -9.66 8.70 15.25
CE MSE A 278 -8.65 8.73 16.82
N VAL A 279 -4.25 6.52 14.28
CA VAL A 279 -3.24 5.57 14.62
C VAL A 279 -3.66 4.59 15.69
N SER A 280 -3.00 3.46 15.75
CA SER A 280 -3.41 2.35 16.57
C SER A 280 -3.43 2.62 18.05
N SER A 281 -2.50 3.43 18.51
CA SER A 281 -2.36 3.73 19.92
C SER A 281 -3.57 4.45 20.46
N GLN A 282 -4.26 5.19 19.63
CA GLN A 282 -5.43 5.90 20.10
C GLN A 282 -6.66 5.05 20.23
N TYR A 283 -6.61 3.86 19.71
CA TYR A 283 -7.82 3.11 19.50
C TYR A 283 -8.59 2.79 20.77
N LYS A 284 -7.92 2.49 21.85
CA LYS A 284 -8.61 2.15 23.09
C LYS A 284 -9.40 3.33 23.60
N GLN A 285 -8.89 4.53 23.37
CA GLN A 285 -9.58 5.75 23.67
C GLN A 285 -10.87 5.94 22.86
N VAL A 286 -10.86 5.52 21.61
CA VAL A 286 -12.03 5.62 20.75
C VAL A 286 -13.05 4.49 20.89
N LYS A 287 -12.64 3.40 21.53
CA LYS A 287 -13.31 2.12 21.50
C LYS A 287 -14.72 2.13 22.06
N ASN A 288 -14.88 2.74 23.22
CA ASN A 288 -16.15 2.77 23.90
C ASN A 288 -16.99 4.04 23.74
N LEU A 289 -16.48 5.01 23.00
CA LEU A 289 -17.18 6.28 22.87
C LEU A 289 -18.55 5.99 22.35
N LYS A 290 -19.54 6.56 23.00
CA LYS A 290 -20.90 6.47 22.50
C LYS A 290 -21.09 7.36 21.29
N GLY A 291 -22.06 7.01 20.49
CA GLY A 291 -22.36 7.83 19.35
C GLY A 291 -21.52 7.49 18.16
N TYR A 292 -20.65 6.51 18.33
CA TYR A 292 -19.81 6.09 17.25
C TYR A 292 -19.76 4.60 17.10
N LYS A 293 -19.62 4.15 15.88
CA LYS A 293 -19.32 2.77 15.63
C LYS A 293 -17.93 2.72 15.04
N VAL A 294 -17.10 1.81 15.50
CA VAL A 294 -15.74 1.70 14.96
C VAL A 294 -15.66 0.55 13.97
N LEU A 295 -15.29 0.91 12.75
CA LEU A 295 -15.14 0.00 11.64
C LEU A 295 -13.69 -0.41 11.47
N GLY A 296 -13.47 -1.64 11.05
CA GLY A 296 -12.14 -2.15 10.82
C GLY A 296 -11.99 -2.88 9.54
N GLN A 297 -10.86 -2.72 8.87
CA GLN A 297 -10.58 -3.39 7.62
C GLN A 297 -9.11 -3.76 7.54
N GLN A 298 -8.80 -4.91 6.96
CA GLN A 298 -7.42 -5.31 6.82
C GLN A 298 -6.66 -4.54 5.76
N ALA A 299 -5.53 -4.00 6.16
CA ALA A 299 -4.67 -3.19 5.32
C ALA A 299 -3.88 -3.94 4.26
N MSE A 300 -3.46 -3.22 3.22
CA MSE A 300 -2.60 -3.78 2.21
C MSE A 300 -1.17 -3.69 2.75
O MSE A 300 -0.36 -3.00 2.21
CB MSE A 300 -2.73 -2.98 0.93
CG MSE A 300 -4.14 -2.98 0.33
SE MSE A 300 -4.35 -2.03 -1.30
CE MSE A 300 -6.08 -1.37 -1.06
N TYR A 301 -0.92 -4.39 3.83
CA TYR A 301 0.26 -4.22 4.63
C TYR A 301 0.86 -5.53 5.14
N ILE A 302 2.17 -5.62 5.05
CA ILE A 302 2.91 -6.70 5.65
C ILE A 302 4.06 -6.18 6.50
N SER A 303 4.26 -6.79 7.64
CA SER A 303 5.43 -6.55 8.45
C SER A 303 6.21 -7.85 8.59
N LEU A 304 7.53 -7.78 8.58
CA LEU A 304 8.35 -8.98 8.48
C LEU A 304 9.76 -8.89 9.08
N MSE A 305 10.35 -10.04 9.32
CA MSE A 305 11.66 -10.11 9.93
C MSE A 305 12.67 -10.51 8.89
O MSE A 305 12.45 -11.40 8.12
CB MSE A 305 11.67 -11.06 11.12
CG MSE A 305 12.97 -11.11 11.92
SE MSE A 305 12.98 -12.28 13.41
CE MSE A 305 12.31 -11.09 14.63
N TYR A 306 13.79 -9.80 8.87
CA TYR A 306 14.84 -9.92 7.88
C TYR A 306 16.08 -10.54 8.51
N TYR A 307 16.80 -11.32 7.72
CA TYR A 307 18.10 -11.82 8.11
C TYR A 307 19.16 -11.28 7.22
N ASN A 308 20.31 -10.92 7.77
CA ASN A 308 21.36 -10.34 6.99
C ASN A 308 22.27 -11.42 6.44
N LEU A 309 22.13 -11.62 5.14
CA LEU A 309 22.78 -12.70 4.46
C LEU A 309 23.74 -12.29 3.38
N GLY A 310 24.01 -11.03 3.21
CA GLY A 310 24.79 -10.63 2.07
C GLY A 310 24.92 -9.16 1.81
N HIS A 311 25.11 -8.85 0.55
CA HIS A 311 25.33 -7.50 0.19
C HIS A 311 24.74 -7.22 -1.19
N TYR A 312 24.56 -5.96 -1.52
CA TYR A 312 24.02 -5.64 -2.82
C TYR A 312 25.09 -5.03 -3.72
N ASP A 313 25.24 -5.59 -4.91
CA ASP A 313 26.17 -5.14 -5.92
C ASP A 313 25.41 -4.21 -6.83
N ALA A 314 25.54 -2.93 -6.59
CA ALA A 314 24.80 -1.93 -7.33
C ALA A 314 25.15 -1.78 -8.81
N LYS A 315 26.43 -1.87 -9.12
CA LYS A 315 26.88 -1.77 -10.47
C LYS A 315 26.28 -2.87 -11.32
N ASN A 316 26.27 -4.08 -10.79
CA ASN A 316 25.68 -5.17 -11.50
C ASN A 316 24.21 -5.41 -11.13
N SER A 317 23.68 -4.58 -10.25
CA SER A 317 22.31 -4.64 -9.83
C SER A 317 21.88 -6.00 -9.27
N ILE A 318 22.68 -6.58 -8.42
CA ILE A 318 22.34 -7.89 -7.97
C ILE A 318 22.69 -8.16 -6.51
N ASN A 319 21.86 -8.93 -5.86
CA ASN A 319 22.13 -9.34 -4.50
C ASN A 319 23.10 -10.54 -4.48
N VAL A 320 24.10 -10.50 -3.63
CA VAL A 320 24.99 -11.64 -3.43
C VAL A 320 24.89 -12.15 -1.99
N GLN A 321 24.51 -13.40 -1.79
CA GLN A 321 24.35 -13.97 -0.46
C GLN A 321 25.68 -14.51 0.12
N ASP A 322 26.65 -13.61 0.30
CA ASP A 322 27.98 -13.98 0.77
C ASP A 322 28.42 -13.62 2.20
N ARG A 323 27.50 -13.22 3.05
CA ARG A 323 27.82 -12.85 4.42
C ARG A 323 28.14 -14.02 5.35
N LYS A 324 29.10 -13.87 6.23
CA LYS A 324 29.37 -14.92 7.17
C LYS A 324 28.47 -14.75 8.35
N THR A 325 27.58 -15.70 8.52
CA THR A 325 26.65 -15.73 9.62
C THR A 325 26.11 -17.14 9.81
N PRO A 326 25.78 -17.50 11.03
CA PRO A 326 25.08 -18.73 11.30
C PRO A 326 23.64 -18.69 10.77
N LEU A 327 23.21 -17.51 10.34
CA LEU A 327 21.91 -17.33 9.73
C LEU A 327 21.83 -17.94 8.34
N GLN A 328 22.98 -18.29 7.79
CA GLN A 328 23.10 -18.99 6.55
C GLN A 328 22.52 -20.39 6.65
N ASP A 329 22.40 -20.90 7.86
CA ASP A 329 21.80 -22.21 8.07
C ASP A 329 20.31 -22.08 8.17
N GLN A 330 19.61 -22.84 7.36
CA GLN A 330 18.16 -22.85 7.29
C GLN A 330 17.52 -23.26 8.61
N ASN A 331 18.12 -24.20 9.33
CA ASN A 331 17.58 -24.58 10.61
C ASN A 331 17.62 -23.44 11.59
N VAL A 332 18.69 -22.69 11.54
CA VAL A 332 18.86 -21.51 12.36
C VAL A 332 17.84 -20.43 12.03
N ARG A 333 17.58 -20.17 10.77
CA ARG A 333 16.56 -19.22 10.40
C ARG A 333 15.17 -19.68 10.84
N GLN A 334 14.85 -20.94 10.65
CA GLN A 334 13.56 -21.42 11.05
C GLN A 334 13.36 -21.36 12.56
N ALA A 335 14.39 -21.75 13.29
CA ALA A 335 14.29 -21.85 14.74
C ALA A 335 14.05 -20.51 15.36
N ILE A 336 14.76 -19.51 14.90
CA ILE A 336 14.58 -18.17 15.41
C ILE A 336 13.17 -17.65 15.14
N GLY A 337 12.59 -18.01 14.00
CA GLY A 337 11.20 -17.76 13.72
C GLY A 337 10.19 -18.47 14.60
N TYR A 338 10.44 -19.74 14.83
CA TYR A 338 9.59 -20.58 15.66
C TYR A 338 9.53 -20.13 17.11
N ALA A 339 10.61 -19.55 17.58
CA ALA A 339 10.77 -19.01 18.91
C ALA A 339 9.93 -17.79 19.26
N ARG A 340 9.67 -16.91 18.31
CA ARG A 340 8.89 -15.72 18.58
C ARG A 340 7.46 -16.06 18.99
N ASN A 341 6.98 -15.37 20.02
CA ASN A 341 5.59 -15.33 20.38
C ASN A 341 4.82 -14.18 19.76
N VAL A 342 4.68 -14.14 18.45
CA VAL A 342 3.98 -13.05 17.82
C VAL A 342 2.51 -12.89 18.19
N ALA A 343 1.75 -13.97 18.20
CA ALA A 343 0.34 -13.90 18.50
C ALA A 343 0.11 -13.40 19.89
N GLU A 344 0.90 -13.90 20.82
CA GLU A 344 0.89 -13.47 22.19
C GLU A 344 1.28 -12.00 22.37
N VAL A 345 2.28 -11.54 21.66
CA VAL A 345 2.64 -10.14 21.69
C VAL A 345 1.49 -9.29 21.16
N ASP A 346 0.86 -9.74 20.10
CA ASP A 346 -0.26 -9.03 19.53
C ASP A 346 -1.41 -8.95 20.51
N ASN A 347 -1.66 -10.05 21.20
CA ASN A 347 -2.76 -10.10 22.13
C ASN A 347 -2.56 -9.15 23.29
N LYS A 348 -1.35 -9.07 23.83
CA LYS A 348 -1.09 -8.14 24.91
C LYS A 348 -1.15 -6.67 24.56
N PHE A 349 -0.46 -6.27 23.53
CA PHE A 349 -0.24 -4.84 23.27
C PHE A 349 -1.04 -4.24 22.13
N SER A 350 -1.23 -4.99 21.06
CA SER A 350 -1.83 -4.44 19.87
C SER A 350 -3.31 -3.99 19.93
N ASN A 351 -4.09 -4.56 20.83
CA ASN A 351 -5.50 -4.24 20.84
C ASN A 351 -6.20 -4.83 19.66
N GLY A 352 -5.62 -5.84 19.06
CA GLY A 352 -6.25 -6.48 17.93
C GLY A 352 -6.01 -5.83 16.60
N LEU A 353 -5.25 -4.74 16.57
CA LEU A 353 -4.83 -4.15 15.33
C LEU A 353 -3.73 -4.92 14.58
N SER A 354 -2.97 -5.71 15.29
CA SER A 354 -2.00 -6.57 14.67
C SER A 354 -2.46 -7.98 14.82
N THR A 355 -2.48 -8.68 13.72
CA THR A 355 -2.84 -10.08 13.66
C THR A 355 -1.72 -10.83 12.95
N PRO A 356 -1.33 -11.98 13.47
CA PRO A 356 -0.14 -12.67 13.00
C PRO A 356 -0.22 -13.13 11.55
N ALA A 357 0.85 -12.84 10.83
CA ALA A 357 0.95 -13.12 9.43
C ALA A 357 1.32 -14.56 9.21
N ASN A 358 0.61 -15.24 8.33
CA ASN A 358 0.98 -16.57 7.94
C ASN A 358 1.87 -16.57 6.73
N SER A 359 1.86 -15.45 6.04
CA SER A 359 2.50 -15.32 4.76
C SER A 359 2.88 -13.89 4.50
N LEU A 360 3.54 -13.66 3.39
CA LEU A 360 3.97 -12.34 3.02
C LEU A 360 2.87 -11.48 2.41
N ILE A 361 1.77 -12.09 2.03
CA ILE A 361 0.67 -11.36 1.43
C ILE A 361 -0.61 -11.51 2.24
N PRO A 362 -1.21 -10.43 2.69
CA PRO A 362 -2.42 -10.50 3.51
C PRO A 362 -3.65 -10.99 2.74
N PRO A 363 -4.58 -11.64 3.43
CA PRO A 363 -5.65 -12.44 2.82
C PRO A 363 -6.70 -11.67 2.00
N ILE A 364 -6.72 -10.35 2.16
CA ILE A 364 -7.57 -9.47 1.42
C ILE A 364 -7.24 -9.53 -0.05
N PHE A 365 -6.03 -9.95 -0.38
CA PHE A 365 -5.67 -10.30 -1.74
C PHE A 365 -6.12 -11.74 -1.96
N LYS A 366 -7.41 -11.90 -2.22
CA LYS A 366 -8.10 -13.18 -2.20
C LYS A 366 -7.53 -14.15 -3.20
N GLN A 367 -7.14 -13.62 -4.32
CA GLN A 367 -6.64 -14.38 -5.42
C GLN A 367 -5.13 -14.58 -5.44
N PHE A 368 -4.42 -14.06 -4.46
CA PHE A 368 -2.98 -14.25 -4.36
C PHE A 368 -2.48 -14.94 -3.07
N THR A 369 -3.36 -15.47 -2.27
CA THR A 369 -2.96 -16.09 -1.03
C THR A 369 -3.99 -17.07 -0.53
N SER A 370 -3.64 -17.75 0.55
CA SER A 370 -4.51 -18.68 1.20
C SER A 370 -4.18 -18.82 2.69
N SER A 371 -5.17 -19.14 3.49
CA SER A 371 -5.02 -19.46 4.90
C SER A 371 -4.28 -20.73 5.10
N SER A 372 -4.31 -21.55 4.07
CA SER A 372 -3.70 -22.86 4.04
C SER A 372 -2.18 -22.78 4.19
N VAL A 373 -1.60 -21.66 3.80
CA VAL A 373 -0.19 -21.46 3.95
C VAL A 373 0.15 -21.33 5.43
N LYS A 374 1.18 -22.03 5.86
CA LYS A 374 1.64 -21.95 7.23
C LYS A 374 2.98 -21.28 7.33
N GLY A 375 3.13 -20.42 8.31
CA GLY A 375 4.40 -19.81 8.60
C GLY A 375 4.82 -19.95 10.05
N TYR A 376 5.06 -18.82 10.70
CA TYR A 376 5.52 -18.74 12.07
C TYR A 376 4.54 -18.06 13.02
N GLU A 377 3.26 -18.08 12.64
CA GLU A 377 2.21 -17.47 13.42
C GLU A 377 2.04 -18.14 14.76
N LYS A 378 2.51 -19.36 14.90
CA LYS A 378 2.37 -20.04 16.15
C LYS A 378 3.73 -20.34 16.76
N GLN A 379 3.93 -19.96 18.01
CA GLN A 379 5.18 -20.24 18.68
C GLN A 379 5.41 -21.71 18.90
N ASP A 380 6.59 -22.16 18.52
CA ASP A 380 7.00 -23.53 18.75
C ASP A 380 8.41 -23.58 19.30
N LEU A 381 8.56 -23.40 20.60
CA LEU A 381 9.87 -23.47 21.25
C LEU A 381 10.52 -24.83 21.18
N ASP A 382 9.74 -25.89 21.26
CA ASP A 382 10.25 -27.22 21.11
C ASP A 382 10.76 -27.54 19.73
N LYS A 383 10.07 -27.09 18.70
CA LYS A 383 10.57 -27.29 17.37
C LYS A 383 11.86 -26.51 17.13
N ALA A 384 11.93 -25.31 17.68
CA ALA A 384 13.08 -24.46 17.50
C ALA A 384 14.30 -25.05 18.13
N ASN A 385 14.15 -25.59 19.34
CA ASN A 385 15.23 -26.20 20.05
C ASN A 385 15.74 -27.46 19.33
N LYS A 386 14.83 -28.26 18.83
CA LYS A 386 15.18 -29.44 18.09
C LYS A 386 15.91 -29.12 16.81
N LEU A 387 15.50 -28.05 16.13
CA LEU A 387 16.13 -27.66 14.89
C LEU A 387 17.58 -27.34 15.14
N LEU A 388 17.83 -26.58 16.18
CA LEU A 388 19.17 -26.21 16.59
C LEU A 388 20.04 -27.40 17.04
N ASP A 389 19.43 -28.35 17.72
CA ASP A 389 20.12 -29.54 18.18
C ASP A 389 20.63 -30.40 17.05
N GLU A 390 19.79 -30.56 16.05
CA GLU A 390 20.08 -31.37 14.90
C GLU A 390 21.02 -30.70 13.93
N ASP A 391 21.36 -29.44 14.18
CA ASP A 391 22.28 -28.70 13.33
C ASP A 391 23.55 -28.38 14.08
N GLY A 392 23.82 -29.15 15.12
CA GLY A 392 25.04 -29.04 15.86
C GLY A 392 25.20 -27.88 16.80
N TRP A 393 24.15 -27.09 17.00
CA TRP A 393 24.22 -25.96 17.91
C TRP A 393 23.83 -26.40 19.31
N LYS A 394 24.83 -26.68 20.12
CA LYS A 394 24.66 -27.43 21.34
C LYS A 394 24.76 -26.53 22.54
N LEU A 395 23.79 -26.65 23.42
CA LEU A 395 23.71 -25.83 24.60
C LEU A 395 24.85 -26.06 25.60
N ASN A 396 25.50 -24.97 26.01
CA ASN A 396 26.50 -24.96 27.06
C ASN A 396 25.84 -24.68 28.40
N LYS A 397 25.85 -25.66 29.29
CA LYS A 397 25.07 -25.58 30.52
C LYS A 397 25.54 -24.45 31.38
N SER A 398 26.83 -24.22 31.31
CA SER A 398 27.45 -23.20 32.10
C SER A 398 26.96 -21.80 31.75
N THR A 399 27.03 -21.44 30.48
CA THR A 399 26.28 -20.33 29.94
C THR A 399 24.93 -20.92 29.62
N GLY A 400 23.97 -20.12 29.24
CA GLY A 400 22.68 -20.63 28.85
C GLY A 400 22.50 -20.74 27.35
N TYR A 401 23.61 -20.68 26.64
CA TYR A 401 23.61 -20.47 25.21
C TYR A 401 24.28 -21.57 24.42
N ARG A 402 23.76 -21.82 23.23
CA ARG A 402 24.29 -22.79 22.29
C ARG A 402 25.58 -22.37 21.58
N GLU A 403 26.40 -23.36 21.27
CA GLU A 403 27.68 -23.20 20.62
C GLU A 403 27.89 -24.25 19.53
N LYS A 404 28.64 -23.91 18.51
CA LYS A 404 29.10 -24.85 17.55
C LYS A 404 30.55 -24.57 17.31
N ASP A 405 31.38 -25.59 17.44
CA ASP A 405 32.81 -25.51 17.23
C ASP A 405 33.43 -24.43 18.10
N GLY A 406 32.93 -24.33 19.31
CA GLY A 406 33.42 -23.37 20.26
C GLY A 406 32.84 -21.98 20.20
N LYS A 407 32.10 -21.67 19.14
CA LYS A 407 31.57 -20.32 18.92
C LYS A 407 30.13 -20.10 19.40
N GLU A 408 29.94 -19.08 20.22
CA GLU A 408 28.61 -18.80 20.74
C GLU A 408 27.66 -18.30 19.68
N LEU A 409 26.43 -18.78 19.76
CA LEU A 409 25.36 -18.39 18.85
C LEU A 409 24.75 -17.11 19.33
N SER A 410 25.35 -16.02 18.92
CA SER A 410 25.02 -14.71 19.40
C SER A 410 24.80 -13.77 18.21
N LEU A 411 23.75 -12.97 18.26
CA LEU A 411 23.32 -12.16 17.14
C LEU A 411 22.99 -10.73 17.50
N VAL A 412 23.01 -9.85 16.51
CA VAL A 412 22.68 -8.47 16.73
C VAL A 412 21.34 -8.09 16.11
N TYR A 413 20.43 -7.56 16.92
CA TYR A 413 19.09 -7.24 16.48
C TYR A 413 18.85 -5.73 16.35
N ALA A 414 18.71 -5.31 15.10
CA ALA A 414 18.42 -3.94 14.77
C ALA A 414 16.95 -3.66 14.78
N ALA A 415 16.36 -3.67 15.97
CA ALA A 415 15.01 -3.27 16.20
C ALA A 415 14.87 -1.77 16.05
N ARG A 416 13.68 -1.32 15.76
CA ARG A 416 13.47 0.08 15.46
C ARG A 416 12.22 0.68 16.13
N VAL A 417 12.22 1.98 16.24
CA VAL A 417 11.08 2.83 16.60
C VAL A 417 10.16 2.98 15.40
N GLY A 418 8.94 3.45 15.56
CA GLY A 418 8.14 3.51 16.73
C GLY A 418 6.71 3.11 16.37
N ASP A 419 6.53 1.83 16.19
CA ASP A 419 5.26 1.21 16.33
C ASP A 419 5.05 1.30 17.82
N ALA A 420 3.80 1.28 18.24
CA ALA A 420 3.50 1.41 19.63
C ALA A 420 4.10 0.22 20.34
N ASN A 421 4.63 0.49 21.53
CA ASN A 421 5.30 -0.49 22.33
C ASN A 421 6.50 -1.15 21.67
N ALA A 422 7.25 -0.40 20.87
CA ALA A 422 8.41 -0.97 20.21
C ALA A 422 9.56 -1.49 21.11
N GLU A 423 9.89 -0.78 22.20
CA GLU A 423 10.89 -1.26 23.16
C GLU A 423 10.43 -2.54 23.82
N THR A 424 9.17 -2.55 24.21
CA THR A 424 8.58 -3.69 24.88
C THR A 424 8.51 -4.94 24.03
N ILE A 425 8.11 -4.81 22.80
CA ILE A 425 8.06 -5.91 21.86
C ILE A 425 9.42 -6.53 21.52
N ALA A 426 10.42 -5.69 21.33
CA ALA A 426 11.73 -6.13 20.96
C ALA A 426 12.36 -6.95 22.05
N GLN A 427 12.21 -6.48 23.27
CA GLN A 427 12.69 -7.15 24.46
C GLN A 427 12.02 -8.50 24.69
N ASN A 428 10.73 -8.59 24.38
CA ASN A 428 9.99 -9.81 24.49
C ASN A 428 10.56 -10.88 23.58
N TYR A 429 10.87 -10.52 22.35
CA TYR A 429 11.47 -11.45 21.40
C TYR A 429 12.85 -11.92 21.84
N ILE A 430 13.63 -11.00 22.39
CA ILE A 430 14.97 -11.28 22.83
C ILE A 430 14.97 -12.35 23.91
N GLN A 431 14.00 -12.28 24.79
CA GLN A 431 13.71 -13.28 25.81
C GLN A 431 13.25 -14.65 25.32
N GLN A 432 12.47 -14.69 24.26
CA GLN A 432 12.07 -15.93 23.63
C GLN A 432 13.29 -16.65 23.07
N TRP A 433 14.19 -15.86 22.52
CA TRP A 433 15.45 -16.33 21.96
C TRP A 433 16.42 -16.93 22.96
N LYS A 434 16.43 -16.37 24.16
CA LYS A 434 17.17 -16.90 25.28
C LYS A 434 16.69 -18.31 25.65
N LYS A 435 15.40 -18.53 25.51
CA LYS A 435 14.75 -19.81 25.79
C LYS A 435 15.28 -20.90 24.88
N ILE A 436 15.72 -20.49 23.70
CA ILE A 436 16.28 -21.41 22.74
C ILE A 436 17.80 -21.41 22.67
N GLY A 437 18.44 -20.77 23.63
CA GLY A 437 19.87 -20.65 23.64
C GLY A 437 20.52 -19.72 22.66
N VAL A 438 19.82 -18.69 22.24
CA VAL A 438 20.40 -17.75 21.31
C VAL A 438 20.54 -16.43 22.02
N LYS A 439 21.73 -15.83 21.97
CA LYS A 439 21.95 -14.56 22.59
C LYS A 439 21.63 -13.50 21.57
N VAL A 440 20.66 -12.66 21.88
CA VAL A 440 20.31 -11.53 21.03
C VAL A 440 20.41 -10.19 21.74
N SER A 441 21.12 -9.26 21.13
CA SER A 441 21.21 -7.90 21.64
C SER A 441 20.87 -6.85 20.61
N LEU A 442 20.36 -5.75 21.12
CA LEU A 442 20.01 -4.61 20.31
C LEU A 442 21.20 -3.92 19.65
N TYR A 443 20.96 -3.40 18.48
CA TYR A 443 22.00 -2.74 17.76
C TYR A 443 22.35 -1.46 18.50
N ASN A 444 23.59 -1.40 18.95
CA ASN A 444 24.13 -0.31 19.75
C ASN A 444 23.42 -0.09 21.05
N GLY A 445 22.84 -1.14 21.59
CA GLY A 445 22.14 -1.07 22.85
C GLY A 445 20.78 -0.40 22.90
N LYS A 446 20.18 -0.08 21.76
CA LYS A 446 18.93 0.66 21.76
C LYS A 446 18.14 0.55 20.48
N LEU A 447 16.94 1.10 20.42
CA LEU A 447 16.21 1.12 19.17
C LEU A 447 16.77 2.12 18.16
N MSE A 448 16.90 1.71 16.91
CA MSE A 448 17.23 2.63 15.84
C MSE A 448 16.06 3.56 15.55
O MSE A 448 14.93 3.11 15.44
CB MSE A 448 17.55 1.90 14.53
CG MSE A 448 18.82 1.08 14.50
SE MSE A 448 19.24 0.34 12.81
CE MSE A 448 19.83 1.88 11.94
N GLU A 449 16.35 4.83 15.38
CA GLU A 449 15.39 5.77 14.90
C GLU A 449 15.12 5.44 13.45
N PHE A 450 13.93 5.78 12.99
CA PHE A 450 13.46 5.31 11.71
C PHE A 450 14.31 5.76 10.52
N ASN A 451 14.66 7.03 10.45
CA ASN A 451 15.44 7.54 9.33
C ASN A 451 16.80 6.87 9.29
N SER A 452 17.35 6.65 10.46
CA SER A 452 18.61 5.97 10.54
C SER A 452 18.48 4.52 10.04
N TRP A 453 17.40 3.85 10.39
CA TRP A 453 17.15 2.49 9.94
C TRP A 453 17.00 2.43 8.45
N VAL A 454 16.32 3.41 7.89
CA VAL A 454 16.12 3.42 6.46
C VAL A 454 17.45 3.54 5.73
N ASP A 455 18.33 4.42 6.20
CA ASP A 455 19.65 4.56 5.64
C ASP A 455 20.48 3.29 5.81
N HIS A 456 20.39 2.65 6.95
CA HIS A 456 21.17 1.46 7.21
C HIS A 456 20.81 0.30 6.27
N MSE A 457 19.52 0.05 6.07
CA MSE A 457 19.02 -0.90 5.09
C MSE A 457 19.16 -0.57 3.59
O MSE A 457 19.50 -1.41 2.80
CB MSE A 457 17.57 -1.25 5.40
CG MSE A 457 17.32 -1.64 6.84
SE MSE A 457 18.43 -3.03 7.49
CE MSE A 457 18.70 -2.62 9.28
N THR A 458 18.78 0.64 3.21
CA THR A 458 18.86 1.07 1.82
C THR A 458 20.23 1.36 1.19
N THR A 459 21.22 1.75 1.98
CA THR A 459 22.46 2.20 1.44
C THR A 459 23.35 1.03 1.11
N PRO A 460 23.62 0.85 -0.16
CA PRO A 460 24.49 -0.20 -0.66
C PRO A 460 25.94 0.03 -0.27
N PRO A 461 26.70 -1.03 -0.08
CA PRO A 461 26.33 -2.39 -0.41
C PRO A 461 25.55 -3.09 0.68
N GLY A 462 25.39 -2.40 1.79
CA GLY A 462 24.77 -2.91 2.98
C GLY A 462 25.74 -3.17 4.09
N ALA A 463 25.29 -2.96 5.31
CA ALA A 463 26.03 -3.21 6.53
C ALA A 463 26.21 -4.68 6.98
N ASN A 464 27.32 -4.95 7.65
CA ASN A 464 27.66 -6.26 8.17
C ASN A 464 27.54 -6.33 9.66
N ASP A 465 27.01 -5.28 10.26
CA ASP A 465 26.96 -5.14 11.69
C ASP A 465 25.59 -5.43 12.29
N TRP A 466 24.73 -6.06 11.51
CA TRP A 466 23.41 -6.45 11.96
C TRP A 466 23.05 -7.86 11.49
N ASP A 467 22.31 -8.60 12.29
CA ASP A 467 21.83 -9.92 11.89
C ASP A 467 20.34 -10.03 11.62
N ILE A 468 19.56 -9.49 12.53
CA ILE A 468 18.12 -9.52 12.47
C ILE A 468 17.56 -8.11 12.50
N THR A 469 16.56 -7.87 11.69
CA THR A 469 15.84 -6.60 11.70
C THR A 469 14.36 -6.75 11.41
N ASP A 470 13.61 -5.70 11.67
CA ASP A 470 12.19 -5.65 11.35
C ASP A 470 11.89 -4.62 10.28
N GLY A 471 11.04 -4.96 9.34
CA GLY A 471 10.67 -4.09 8.25
C GLY A 471 9.20 -4.20 7.94
N SER A 472 8.70 -3.28 7.14
CA SER A 472 7.33 -3.37 6.66
C SER A 472 7.07 -2.68 5.34
N TRP A 473 6.06 -3.14 4.64
CA TRP A 473 5.70 -2.54 3.41
C TRP A 473 4.21 -2.34 3.29
N SER A 474 3.84 -1.32 2.56
CA SER A 474 2.50 -1.16 2.13
C SER A 474 2.47 -1.74 0.72
N LEU A 475 1.58 -2.69 0.52
CA LEU A 475 1.44 -3.39 -0.73
C LEU A 475 0.42 -2.74 -1.64
N ALA A 476 0.78 -2.63 -2.90
CA ALA A 476 -0.06 -2.08 -3.93
C ALA A 476 -1.16 -3.03 -4.29
N SER A 477 -2.11 -2.52 -5.05
CA SER A 477 -3.26 -3.29 -5.45
C SER A 477 -2.82 -4.48 -6.28
N GLU A 478 -1.77 -4.30 -7.07
CA GLU A 478 -1.01 -5.41 -7.59
C GLU A 478 0.19 -5.64 -6.66
N PRO A 479 0.13 -6.69 -5.88
CA PRO A 479 1.06 -6.90 -4.77
C PRO A 479 2.36 -7.54 -5.20
N SER A 480 3.05 -6.88 -6.11
CA SER A 480 4.28 -7.36 -6.71
C SER A 480 5.39 -7.49 -5.72
N GLN A 481 6.09 -8.60 -5.78
CA GLN A 481 7.20 -8.87 -4.90
C GLN A 481 8.50 -8.42 -5.51
N GLN A 482 8.46 -7.92 -6.74
CA GLN A 482 9.66 -7.64 -7.52
C GLN A 482 10.58 -6.61 -6.92
N ASP A 483 10.03 -5.52 -6.42
CA ASP A 483 10.84 -4.53 -5.81
C ASP A 483 11.28 -4.91 -4.40
N LEU A 484 10.70 -5.96 -3.85
CA LEU A 484 10.99 -6.30 -2.49
C LEU A 484 11.94 -7.45 -2.30
N PHE A 485 11.69 -8.54 -3.00
CA PHE A 485 12.42 -9.76 -2.75
C PHE A 485 13.15 -10.40 -3.91
N SER A 486 13.18 -9.74 -5.04
CA SER A 486 13.93 -10.27 -6.15
C SER A 486 15.43 -10.12 -5.98
N ALA A 487 16.14 -10.88 -6.79
CA ALA A 487 17.58 -10.90 -6.84
C ALA A 487 18.11 -9.56 -7.25
N ALA A 488 17.40 -8.84 -8.07
CA ALA A 488 17.88 -7.59 -8.59
C ALA A 488 17.51 -6.39 -7.75
N ALA A 489 16.68 -6.61 -6.76
CA ALA A 489 16.17 -5.55 -5.93
C ALA A 489 17.15 -4.94 -4.93
N PRO A 490 17.25 -3.62 -4.95
CA PRO A 490 17.90 -2.83 -3.92
C PRO A 490 17.26 -2.93 -2.53
N TYR A 491 15.95 -3.14 -2.47
CA TYR A 491 15.23 -3.14 -1.21
C TYR A 491 15.09 -4.52 -0.64
N ASN A 492 15.82 -5.48 -1.20
CA ASN A 492 15.94 -6.82 -0.68
C ASN A 492 16.99 -6.76 0.41
N PHE A 493 16.55 -6.36 1.59
CA PHE A 493 17.40 -5.89 2.66
C PHE A 493 18.36 -6.93 3.18
N GLY A 494 17.95 -8.18 3.23
CA GLY A 494 18.82 -9.23 3.66
C GLY A 494 19.77 -9.76 2.61
N HIS A 495 19.54 -9.34 1.39
CA HIS A 495 20.32 -9.72 0.22
C HIS A 495 20.38 -11.20 -0.13
N PHE A 496 19.29 -11.91 0.03
CA PHE A 496 19.21 -13.29 -0.39
C PHE A 496 19.12 -13.49 -1.92
N ASN A 497 19.64 -14.59 -2.40
CA ASN A 497 19.56 -14.96 -3.81
C ASN A 497 19.35 -16.46 -3.98
N ASP A 498 18.14 -16.84 -4.31
CA ASP A 498 17.77 -18.22 -4.39
C ASP A 498 17.24 -18.53 -5.78
N SER A 499 17.73 -19.59 -6.38
CA SER A 499 17.24 -20.00 -7.68
C SER A 499 15.77 -20.38 -7.72
N GLU A 500 15.31 -21.13 -6.72
CA GLU A 500 13.92 -21.52 -6.62
C GLU A 500 13.01 -20.32 -6.43
N ILE A 501 13.40 -19.40 -5.58
CA ILE A 501 12.64 -18.17 -5.37
C ILE A 501 12.58 -17.30 -6.62
N THR A 502 13.67 -17.21 -7.35
CA THR A 502 13.70 -16.47 -8.59
C THR A 502 12.78 -17.06 -9.63
N LYS A 503 12.80 -18.37 -9.66
CA LYS A 503 11.94 -19.13 -10.53
C LYS A 503 10.50 -18.86 -10.15
N ASP A 504 10.22 -18.83 -8.86
CA ASP A 504 8.88 -18.54 -8.42
C ASP A 504 8.39 -17.14 -8.83
N LEU A 505 9.23 -16.13 -8.66
CA LEU A 505 8.92 -14.77 -9.06
C LEU A 505 8.75 -14.54 -10.55
N ASN A 506 9.56 -15.18 -11.36
CA ASN A 506 9.35 -15.16 -12.79
C ASN A 506 8.04 -15.81 -13.20
N ASP A 507 7.67 -16.88 -12.52
CA ASP A 507 6.45 -17.58 -12.81
C ASP A 507 5.17 -16.78 -12.59
N ILE A 508 5.16 -15.99 -11.54
CA ILE A 508 4.11 -15.07 -11.18
C ILE A 508 3.89 -14.00 -12.26
N ASP A 509 4.96 -13.58 -12.87
CA ASP A 509 4.90 -12.56 -13.87
C ASP A 509 4.87 -13.11 -15.29
N SER A 510 4.69 -14.40 -15.43
CA SER A 510 4.71 -15.08 -16.73
C SER A 510 3.41 -15.06 -17.54
N ALA A 511 3.49 -15.46 -18.78
CA ALA A 511 2.36 -15.53 -19.67
C ALA A 511 1.31 -16.52 -19.21
N LYS A 512 1.75 -17.58 -18.57
CA LYS A 512 0.88 -18.57 -17.98
C LYS A 512 0.04 -17.96 -16.89
N SER A 513 0.60 -16.97 -16.22
CA SER A 513 -0.03 -16.35 -15.07
C SER A 513 -1.21 -15.47 -15.46
N GLU A 514 -1.41 -15.32 -16.75
CA GLU A 514 -2.56 -14.65 -17.30
C GLU A 514 -3.82 -15.36 -16.84
N ASN A 515 -3.73 -16.67 -16.71
CA ASN A 515 -4.80 -17.41 -16.12
C ASN A 515 -4.74 -17.21 -14.62
N PRO A 516 -5.84 -16.74 -14.06
CA PRO A 516 -5.93 -16.41 -12.65
C PRO A 516 -5.73 -17.57 -11.71
N THR A 517 -6.23 -18.74 -12.05
CA THR A 517 -6.04 -19.91 -11.23
C THR A 517 -4.58 -20.33 -11.15
N TYR A 518 -3.88 -20.31 -12.27
CA TYR A 518 -2.46 -20.54 -12.36
C TYR A 518 -1.65 -19.52 -11.58
N ARG A 519 -2.01 -18.25 -11.72
CA ARG A 519 -1.36 -17.18 -10.98
C ARG A 519 -1.54 -17.28 -9.47
N LYS A 520 -2.71 -17.67 -9.02
CA LYS A 520 -2.92 -17.83 -7.60
C LYS A 520 -2.02 -18.91 -7.05
N ALA A 521 -1.91 -20.00 -7.77
CA ALA A 521 -1.07 -21.12 -7.37
C ALA A 521 0.41 -20.75 -7.32
N ALA A 522 0.84 -19.94 -8.26
CA ALA A 522 2.16 -19.37 -8.28
C ALA A 522 2.43 -18.45 -7.09
N PHE A 523 1.50 -17.59 -6.76
CA PHE A 523 1.64 -16.76 -5.58
C PHE A 523 1.68 -17.60 -4.33
N VAL A 524 0.85 -18.61 -4.27
CA VAL A 524 0.82 -19.50 -3.14
C VAL A 524 2.11 -20.29 -2.99
N LYS A 525 2.64 -20.79 -4.09
CA LYS A 525 3.88 -21.50 -4.06
C LYS A 525 5.04 -20.65 -3.60
N TYR A 526 5.09 -19.42 -4.09
CA TYR A 526 6.13 -18.53 -3.70
C TYR A 526 6.05 -18.23 -2.19
N GLN A 527 4.87 -18.03 -1.66
CA GLN A 527 4.73 -17.80 -0.24
C GLN A 527 5.18 -18.97 0.62
N GLU A 528 4.89 -20.17 0.17
CA GLU A 528 5.36 -21.37 0.84
C GLU A 528 6.85 -21.60 0.78
N ASP A 529 7.43 -21.37 -0.37
CA ASP A 529 8.85 -21.53 -0.52
C ASP A 529 9.57 -20.51 0.32
N MSE A 530 9.06 -19.29 0.39
CA MSE A 530 9.67 -18.27 1.22
C MSE A 530 9.65 -18.60 2.71
O MSE A 530 10.61 -18.33 3.39
CB MSE A 530 9.05 -16.90 1.01
CG MSE A 530 9.37 -16.29 -0.31
SE MSE A 530 11.01 -15.42 -0.45
CE MSE A 530 10.69 -13.83 0.39
N ASN A 531 8.55 -19.16 3.19
CA ASN A 531 8.44 -19.58 4.56
C ASN A 531 9.36 -20.72 4.92
N LYS A 532 9.46 -21.71 4.06
CA LYS A 532 10.33 -22.82 4.29
C LYS A 532 11.82 -22.45 4.29
N LYS A 533 12.22 -21.66 3.31
CA LYS A 533 13.55 -21.09 3.27
C LYS A 533 13.81 -20.13 4.40
N ALA A 534 12.83 -19.33 4.73
CA ALA A 534 12.94 -18.40 5.82
C ALA A 534 14.11 -17.42 5.71
N TYR A 535 14.37 -16.91 4.53
CA TYR A 535 15.29 -15.79 4.40
C TYR A 535 14.72 -14.57 5.09
N VAL A 536 13.40 -14.46 5.04
CA VAL A 536 12.60 -13.52 5.79
C VAL A 536 11.42 -14.28 6.39
N ILE A 537 10.90 -13.77 7.51
CA ILE A 537 9.76 -14.33 8.20
C ILE A 537 8.63 -13.32 8.35
N PRO A 538 7.45 -13.67 7.88
CA PRO A 538 6.28 -12.81 8.01
C PRO A 538 5.89 -12.61 9.47
N THR A 539 5.61 -11.38 9.88
CA THR A 539 5.32 -11.09 11.26
C THR A 539 3.87 -10.78 11.44
N ASN A 540 3.45 -9.62 10.96
CA ASN A 540 2.08 -9.19 11.11
C ASN A 540 1.36 -8.72 9.87
N PHE A 541 0.08 -8.99 9.87
CA PHE A 541 -0.95 -8.24 9.17
C PHE A 541 -1.46 -7.08 10.02
N MSE A 542 -2.10 -6.14 9.39
CA MSE A 542 -2.56 -4.99 10.10
C MSE A 542 -4.00 -4.70 9.78
O MSE A 542 -4.47 -4.96 8.69
CB MSE A 542 -1.68 -3.81 9.77
CG MSE A 542 -1.81 -2.63 10.69
SE MSE A 542 -0.48 -1.33 10.36
CE MSE A 542 -1.18 -0.60 8.77
N LEU A 543 -4.70 -4.16 10.76
CA LEU A 543 -6.04 -3.65 10.61
C LEU A 543 -6.04 -2.16 10.82
N ASN A 544 -6.84 -1.48 10.02
CA ASN A 544 -7.08 -0.05 10.14
C ASN A 544 -8.49 0.18 10.62
N TYR A 545 -8.69 1.12 11.52
CA TYR A 545 -10.00 1.42 12.07
C TYR A 545 -10.51 2.83 11.75
N THR A 546 -11.80 2.95 11.56
CA THR A 546 -12.46 4.24 11.34
C THR A 546 -13.66 4.44 12.26
N PRO A 547 -13.67 5.51 13.05
CA PRO A 547 -14.85 5.80 13.85
C PRO A 547 -15.93 6.41 12.99
N VAL A 548 -17.14 5.89 13.08
CA VAL A 548 -18.25 6.41 12.31
C VAL A 548 -19.38 6.84 13.21
N ASN A 549 -19.84 8.07 13.05
CA ASN A 549 -20.96 8.55 13.82
C ASN A 549 -22.18 7.79 13.46
N LYS A 550 -23.00 7.50 14.45
CA LYS A 550 -24.18 6.68 14.32
C LYS A 550 -25.25 7.25 13.41
N ARG A 551 -25.21 8.54 13.16
CA ARG A 551 -26.10 9.13 12.19
C ARG A 551 -25.83 8.70 10.76
N VAL A 552 -24.61 8.28 10.49
CA VAL A 552 -24.23 7.96 9.15
C VAL A 552 -24.95 6.73 8.60
N VAL A 553 -25.40 6.88 7.37
CA VAL A 553 -26.06 5.83 6.63
C VAL A 553 -25.21 5.45 5.42
N GLY A 554 -25.02 4.14 5.27
CA GLY A 554 -24.31 3.58 4.14
C GLY A 554 -22.81 3.48 4.16
N MSE A 555 -22.17 3.80 5.27
CA MSE A 555 -20.73 3.73 5.38
C MSE A 555 -20.17 2.31 5.40
O MSE A 555 -20.67 1.48 6.09
CB MSE A 555 -20.26 4.50 6.62
CG MSE A 555 -18.77 4.70 6.73
SE MSE A 555 -17.90 5.32 5.20
CE MSE A 555 -16.22 5.33 5.88
N THR A 556 -19.16 2.03 4.60
CA THR A 556 -18.52 0.74 4.63
C THR A 556 -17.08 0.85 4.24
N LEU A 557 -16.25 -0.04 4.75
CA LEU A 557 -14.87 -0.13 4.33
C LEU A 557 -14.65 -1.25 3.34
N ASP A 558 -15.73 -1.83 2.83
CA ASP A 558 -15.61 -2.91 1.89
C ASP A 558 -14.84 -2.41 0.66
N TYR A 559 -13.79 -3.13 0.31
CA TYR A 559 -12.91 -2.82 -0.82
C TYR A 559 -13.58 -2.91 -2.19
N GLY A 560 -14.61 -3.73 -2.26
CA GLY A 560 -15.52 -3.89 -3.35
C GLY A 560 -16.50 -2.78 -3.67
N ALA A 561 -16.73 -1.87 -2.73
CA ALA A 561 -17.73 -0.84 -2.91
C ALA A 561 -17.16 0.34 -3.68
N MSE A 562 -17.74 0.63 -4.84
CA MSE A 562 -17.21 1.63 -5.72
C MSE A 562 -17.92 2.99 -5.70
O MSE A 562 -17.43 3.95 -6.22
CB MSE A 562 -17.16 1.10 -7.16
CG MSE A 562 -16.18 -0.04 -7.40
SE MSE A 562 -14.38 0.35 -7.07
CE MSE A 562 -14.30 1.97 -7.84
N ASN A 563 -19.07 3.01 -5.07
CA ASN A 563 -19.92 4.18 -5.05
C ASN A 563 -20.29 4.67 -3.67
N THR A 564 -19.42 4.54 -2.70
CA THR A 564 -19.72 4.95 -1.34
C THR A 564 -19.99 6.44 -1.18
N TRP A 565 -19.25 7.29 -1.88
CA TRP A 565 -19.49 8.72 -1.77
C TRP A 565 -20.88 9.10 -2.23
N SER A 566 -21.37 8.52 -3.32
CA SER A 566 -22.75 8.70 -3.73
C SER A 566 -23.80 8.06 -2.83
N GLU A 567 -23.49 6.87 -2.35
CA GLU A 567 -24.33 6.08 -1.47
C GLU A 567 -24.52 6.67 -0.10
N ILE A 568 -23.50 7.35 0.38
CA ILE A 568 -23.46 7.81 1.75
C ILE A 568 -24.44 8.89 2.12
N GLY A 569 -25.03 8.70 3.29
CA GLY A 569 -26.13 9.48 3.81
C GLY A 569 -26.11 9.66 5.31
N VAL A 570 -27.05 10.42 5.83
CA VAL A 570 -27.26 10.62 7.23
C VAL A 570 -28.71 10.41 7.60
N SER A 571 -28.93 9.81 8.74
CA SER A 571 -30.25 9.66 9.33
C SER A 571 -30.85 10.99 9.82
N SER A 572 -30.01 11.94 10.21
CA SER A 572 -30.47 13.20 10.75
C SER A 572 -29.43 14.29 10.67
N ALA A 573 -29.84 15.52 10.91
CA ALA A 573 -28.96 16.67 11.00
C ALA A 573 -28.05 16.64 12.20
N LYS A 574 -28.53 16.01 13.26
CA LYS A 574 -27.88 16.03 14.54
C LYS A 574 -27.00 14.80 14.73
N LEU A 575 -25.73 15.02 15.04
CA LEU A 575 -24.80 13.96 15.31
C LEU A 575 -25.12 13.21 16.59
N ALA A 576 -25.00 11.90 16.50
CA ALA A 576 -25.19 10.98 17.60
C ALA A 576 -24.03 10.94 18.61
#